data_7P7W
#
_entry.id   7P7W
#
_cell.length_a   115.100
_cell.length_b   115.100
_cell.length_c   120.304
_cell.angle_alpha   90.000
_cell.angle_beta   90.000
_cell.angle_gamma   120.000
#
_symmetry.space_group_name_H-M   'P 32 2 1'
#
loop_
_entity.id
_entity.type
_entity.pdbx_description
1 polymer 'Ubiquitin-like protein SMT3,N-acetyl-D-glucosamine kinase'
2 non-polymer "ADENOSINE-5'-DIPHOSPHATE"
3 non-polymer GLYCEROL
4 non-polymer IMIDAZOLE
5 non-polymer 2-acetamido-2-deoxy-alpha-D-glucopyranose
6 non-polymer 'ZINC ION'
7 non-polymer 1,2-ETHANEDIOL
8 non-polymer DI(HYDROXYETHYL)ETHER
9 non-polymer 'POTASSIUM ION'
10 non-polymer 'ISOPROPYL ALCOHOL'
11 water water
#
_entity_poly.entity_id   1
_entity_poly.type   'polypeptide(L)'
_entity_poly.pdbx_seq_one_letter_code
;MAHHHHHHGSDSEVNQEAKPEVKPEVKPETHINLKVSDGSSEIFFKIKKTTPLRRLMEAFAKRQGKEMDSLRFLYDGIRI
QADQTPEDLDMEDNDIIEAHREQISSGLEVLFQGTMYYGFDIGGTKIEFGAFDADLVRVARERVATPTESYAAFLDAIVT
LVNNADAEFGVKGTVGIGIPGIADVETGKLLTSNIPAAMGHTLQRDLEERLQRPVKIENDANCFALSEAWDEDLRGEPSV
LGLILGTGVGGGLIFNGKVHSGRANIAGEIGHTRLPYDALKLLGMENAPIFPCGCKNSGCIDNYLSGRGFEQLYDHYFSE
KLSAPEIIAHYEQGERRAVQHVERFMELLAICLANIFTCLDPHVVVLGGGLSNFELIYQELPKRLPAHLLHVAKLPKIIK
ARHGDAGGVRGAAFLNL
;
_entity_poly.pdbx_strand_id   AAA,BBB
#
# COMPACT_ATOMS: atom_id res chain seq x y z
N GLY A 114 27.15 -17.60 19.28
CA GLY A 114 27.84 -17.30 20.56
C GLY A 114 28.21 -15.83 20.68
N THR A 115 27.20 -14.95 20.80
CA THR A 115 27.42 -13.52 20.81
C THR A 115 26.65 -12.85 21.95
N MET A 116 26.68 -11.52 21.98
CA MET A 116 25.65 -10.72 22.62
C MET A 116 25.08 -9.78 21.55
N TYR A 117 23.75 -9.70 21.47
CA TYR A 117 23.11 -8.89 20.44
C TYR A 117 22.39 -7.74 21.12
N TYR A 118 22.72 -6.52 20.72
CA TYR A 118 22.01 -5.38 21.26
C TYR A 118 20.99 -4.90 20.23
N GLY A 119 19.84 -4.51 20.74
CA GLY A 119 18.87 -3.80 19.93
C GLY A 119 18.45 -2.50 20.60
N PHE A 120 18.20 -1.50 19.76
CA PHE A 120 17.56 -0.27 20.21
C PHE A 120 16.25 -0.07 19.44
N ASP A 121 15.19 0.32 20.16
CA ASP A 121 13.94 0.75 19.56
C ASP A 121 13.80 2.24 19.87
N ILE A 122 14.06 3.11 18.89
CA ILE A 122 14.07 4.55 19.15
C ILE A 122 12.75 5.13 18.69
N GLY A 123 12.03 5.77 19.61
CA GLY A 123 10.81 6.49 19.26
C GLY A 123 10.98 7.99 19.50
N GLY A 124 9.91 8.74 19.21
CA GLY A 124 9.89 10.19 19.39
C GLY A 124 10.16 10.61 20.83
N THR A 125 9.72 9.80 21.80
CA THR A 125 9.81 10.21 23.20
C THR A 125 10.73 9.29 24.02
N LYS A 126 10.82 8.01 23.66
CA LYS A 126 11.61 7.08 24.46
C LYS A 126 12.52 6.21 23.58
N ILE A 127 13.67 5.81 24.16
CA ILE A 127 14.55 4.79 23.60
C ILE A 127 14.46 3.55 24.49
N GLU A 128 14.11 2.41 23.89
CA GLU A 128 14.18 1.13 24.58
C GLU A 128 15.44 0.37 24.13
N PHE A 129 16.15 -0.22 25.10
CA PHE A 129 17.36 -0.97 24.81
C PHE A 129 17.22 -2.40 25.32
N GLY A 130 17.72 -3.37 24.54
CA GLY A 130 17.74 -4.75 25.00
C GLY A 130 19.03 -5.43 24.60
N ALA A 131 19.51 -6.35 25.45
CA ALA A 131 20.65 -7.18 25.09
C ALA A 131 20.18 -8.61 25.18
N PHE A 132 20.59 -9.43 24.21
CA PHE A 132 20.16 -10.81 24.12
C PHE A 132 21.40 -11.69 23.98
N ASP A 133 21.43 -12.79 24.74
CA ASP A 133 22.62 -13.64 24.75
C ASP A 133 22.57 -14.59 23.54
N ALA A 134 23.53 -15.51 23.49
CA ALA A 134 23.68 -16.35 22.31
C ALA A 134 22.47 -17.27 22.13
N ASP A 135 21.73 -17.55 23.20
CA ASP A 135 20.52 -18.35 23.13
C ASP A 135 19.29 -17.46 22.90
N LEU A 136 19.53 -16.16 22.69
CA LEU A 136 18.49 -15.17 22.38
C LEU A 136 17.64 -14.84 23.60
N VAL A 137 18.15 -15.12 24.80
CA VAL A 137 17.41 -14.77 26.01
C VAL A 137 17.71 -13.31 26.32
N ARG A 138 16.68 -12.54 26.69
CA ARG A 138 16.90 -11.15 27.03
C ARG A 138 17.59 -11.04 28.39
N VAL A 139 18.78 -10.42 28.41
CA VAL A 139 19.58 -10.32 29.62
C VAL A 139 19.79 -8.87 30.05
N ALA A 140 19.33 -7.91 29.24
CA ALA A 140 19.34 -6.51 29.65
C ALA A 140 18.11 -5.80 29.13
N ARG A 141 17.64 -4.80 29.89
CA ARG A 141 16.44 -4.05 29.58
C ARG A 141 16.64 -2.65 30.17
N GLU A 142 16.67 -1.64 29.30
CA GLU A 142 16.90 -0.28 29.73
C GLU A 142 15.98 0.63 28.92
N ARG A 143 15.61 1.76 29.52
CA ARG A 143 14.76 2.76 28.87
CA ARG A 143 14.75 2.76 28.88
C ARG A 143 15.30 4.14 29.25
N VAL A 144 15.43 5.02 28.25
CA VAL A 144 15.84 6.40 28.48
C VAL A 144 14.94 7.30 27.64
N ALA A 145 14.85 8.58 28.01
CA ALA A 145 14.13 9.55 27.18
C ALA A 145 14.92 9.75 25.88
N THR A 146 14.18 9.92 24.77
CA THR A 146 14.85 10.30 23.52
C THR A 146 15.29 11.76 23.59
N PRO A 147 16.62 12.08 23.50
CA PRO A 147 17.02 13.47 23.27
C PRO A 147 16.53 13.97 21.90
N THR A 148 15.64 14.97 21.90
CA THR A 148 14.94 15.33 20.66
C THR A 148 15.48 16.62 20.06
N GLU A 149 16.30 17.35 20.83
CA GLU A 149 16.83 18.64 20.41
C GLU A 149 18.28 18.51 19.95
N SER A 150 19.15 18.07 20.88
CA SER A 150 20.59 18.02 20.62
C SER A 150 20.98 16.69 19.98
N TYR A 151 21.62 16.73 18.81
CA TYR A 151 22.13 15.51 18.18
C TYR A 151 23.27 14.92 19.00
N ALA A 152 24.11 15.78 19.60
CA ALA A 152 25.19 15.28 20.45
C ALA A 152 24.61 14.44 21.60
N ALA A 153 23.50 14.91 22.18
CA ALA A 153 22.86 14.26 23.32
C ALA A 153 22.21 12.94 22.89
N PHE A 154 21.66 12.96 21.67
CA PHE A 154 21.07 11.78 21.04
C PHE A 154 22.14 10.68 20.89
N LEU A 155 23.29 11.03 20.30
CA LEU A 155 24.35 10.06 20.09
C LEU A 155 24.82 9.53 21.43
N ASP A 156 24.98 10.46 22.39
CA ASP A 156 25.51 10.13 23.71
C ASP A 156 24.65 9.05 24.37
N ALA A 157 23.32 9.23 24.33
CA ALA A 157 22.37 8.30 24.93
C ALA A 157 22.61 6.88 24.40
N ILE A 158 22.80 6.75 23.08
CA ILE A 158 22.97 5.44 22.44
C ILE A 158 24.32 4.86 22.82
N VAL A 159 25.35 5.69 22.71
CA VAL A 159 26.71 5.20 22.95
C VAL A 159 26.84 4.73 24.40
N THR A 160 26.26 5.50 25.32
CA THR A 160 26.31 5.17 26.75
C THR A 160 25.69 3.78 26.99
N LEU A 161 24.54 3.53 26.39
CA LEU A 161 23.87 2.25 26.61
C LEU A 161 24.73 1.09 26.10
N VAL A 162 25.38 1.27 24.94
CA VAL A 162 26.20 0.19 24.39
C VAL A 162 27.40 -0.02 25.31
N ASN A 163 28.06 1.09 25.68
CA ASN A 163 29.28 1.02 26.47
C ASN A 163 29.00 0.37 27.83
N ASN A 164 27.93 0.81 28.50
CA ASN A 164 27.52 0.27 29.80
C ASN A 164 27.30 -1.24 29.69
N ALA A 165 26.55 -1.67 28.67
CA ALA A 165 26.23 -3.09 28.49
C ALA A 165 27.51 -3.88 28.22
N ASP A 166 28.41 -3.29 27.41
CA ASP A 166 29.67 -3.96 27.09
C ASP A 166 30.46 -4.16 28.39
N ALA A 167 30.45 -3.14 29.27
CA ALA A 167 31.17 -3.18 30.53
C ALA A 167 30.58 -4.23 31.47
N GLU A 168 29.25 -4.33 31.46
CA GLU A 168 28.48 -5.23 32.31
C GLU A 168 28.73 -6.70 31.94
N PHE A 169 28.82 -6.98 30.64
CA PHE A 169 28.86 -8.37 30.21
C PHE A 169 30.26 -8.78 29.80
N GLY A 170 31.16 -7.80 29.70
CA GLY A 170 32.53 -8.02 29.29
C GLY A 170 32.59 -8.51 27.83
N VAL A 171 31.88 -7.81 26.95
CA VAL A 171 31.78 -8.19 25.54
C VAL A 171 31.75 -6.91 24.71
N LYS A 172 31.88 -7.10 23.39
CA LYS A 172 31.49 -6.07 22.44
C LYS A 172 30.24 -6.56 21.73
N GLY A 173 29.08 -6.05 22.14
CA GLY A 173 27.82 -6.51 21.54
C GLY A 173 27.67 -6.01 20.10
N THR A 174 26.97 -6.79 19.26
CA THR A 174 26.50 -6.33 17.95
C THR A 174 25.41 -5.28 18.16
N VAL A 175 25.26 -4.37 17.17
CA VAL A 175 24.37 -3.23 17.36
C VAL A 175 23.38 -3.16 16.19
N GLY A 176 22.09 -3.31 16.52
CA GLY A 176 21.00 -3.12 15.57
C GLY A 176 20.10 -2.04 16.14
N ILE A 177 19.70 -1.09 15.29
CA ILE A 177 18.93 0.05 15.75
C ILE A 177 17.70 0.20 14.86
N GLY A 178 16.53 0.25 15.51
CA GLY A 178 15.29 0.67 14.87
C GLY A 178 15.05 2.16 15.12
N ILE A 179 14.97 2.95 14.03
CA ILE A 179 14.83 4.40 14.04
C ILE A 179 13.41 4.77 13.59
N PRO A 180 12.78 5.81 14.18
CA PRO A 180 11.47 6.30 13.72
C PRO A 180 11.65 7.23 12.52
N GLY A 181 12.00 6.62 11.40
CA GLY A 181 12.28 7.36 10.18
C GLY A 181 13.07 6.51 9.19
N ILE A 182 13.77 7.20 8.28
CA ILE A 182 14.39 6.55 7.12
C ILE A 182 15.83 7.04 7.07
N ALA A 183 16.74 6.09 6.88
CA ALA A 183 18.10 6.42 6.46
C ALA A 183 18.12 6.41 4.94
N ASP A 184 18.43 7.57 4.35
CA ASP A 184 18.51 7.73 2.90
C ASP A 184 19.34 6.59 2.32
N VAL A 185 18.80 5.92 1.29
CA VAL A 185 19.40 4.72 0.71
CA VAL A 185 19.41 4.72 0.73
C VAL A 185 20.72 5.05 0.00
N GLU A 186 20.93 6.31 -0.34
CA GLU A 186 22.15 6.73 -1.01
C GLU A 186 23.13 7.36 -0.02
N THR A 187 22.65 8.31 0.80
CA THR A 187 23.54 9.16 1.60
C THR A 187 23.67 8.69 3.06
N GLY A 188 22.70 7.89 3.53
CA GLY A 188 22.70 7.49 4.93
C GLY A 188 22.16 8.56 5.88
N LYS A 189 21.81 9.74 5.37
CA LYS A 189 21.26 10.80 6.22
CA LYS A 189 21.26 10.80 6.22
C LYS A 189 19.82 10.45 6.64
N LEU A 190 19.46 10.80 7.88
CA LEU A 190 18.17 10.41 8.44
CA LEU A 190 18.17 10.40 8.43
C LEU A 190 17.08 11.43 8.13
N LEU A 191 15.89 10.91 7.82
CA LEU A 191 14.67 11.72 7.90
C LEU A 191 13.86 11.12 9.06
N THR A 192 13.82 11.83 10.20
CA THR A 192 13.05 11.41 11.37
C THR A 192 12.09 12.53 11.74
N SER A 193 10.84 12.42 11.26
CA SER A 193 9.87 13.51 11.26
C SER A 193 9.57 13.99 12.68
N ASN A 194 9.67 13.08 13.66
CA ASN A 194 9.37 13.46 15.04
C ASN A 194 10.62 13.54 15.92
N ILE A 195 11.80 13.51 15.29
CA ILE A 195 13.05 13.76 16.00
C ILE A 195 13.87 14.82 15.26
N PRO A 196 13.65 16.13 15.56
CA PRO A 196 14.46 17.20 14.98
C PRO A 196 15.97 16.98 15.17
N ALA A 197 16.37 16.42 16.32
CA ALA A 197 17.79 16.24 16.65
C ALA A 197 18.51 15.40 15.60
N ALA A 198 17.82 14.37 15.05
CA ALA A 198 18.51 13.41 14.21
C ALA A 198 18.48 13.78 12.73
N MET A 199 17.57 14.70 12.37
CA MET A 199 17.33 15.07 10.98
CA MET A 199 17.32 15.08 10.98
C MET A 199 18.63 15.39 10.27
N GLY A 200 18.86 14.73 9.12
CA GLY A 200 19.94 15.06 8.22
C GLY A 200 21.29 14.46 8.61
N HIS A 201 21.34 13.68 9.70
CA HIS A 201 22.63 13.18 10.17
C HIS A 201 22.89 11.76 9.68
N THR A 202 24.17 11.42 9.51
CA THR A 202 24.58 10.10 9.06
C THR A 202 24.73 9.20 10.28
N LEU A 203 23.59 8.73 10.82
CA LEU A 203 23.59 8.05 12.12
C LEU A 203 24.46 6.81 12.10
N GLN A 204 24.35 5.99 11.05
CA GLN A 204 25.08 4.74 11.02
C GLN A 204 26.58 5.04 11.08
N ARG A 205 27.05 5.93 10.21
CA ARG A 205 28.46 6.28 10.12
CA ARG A 205 28.46 6.28 10.12
C ARG A 205 28.97 6.83 11.46
N ASP A 206 28.21 7.78 12.04
CA ASP A 206 28.54 8.44 13.28
C ASP A 206 28.71 7.43 14.42
N LEU A 207 27.81 6.43 14.47
CA LEU A 207 27.84 5.43 15.53
C LEU A 207 28.95 4.42 15.30
N GLU A 208 29.18 4.06 14.03
CA GLU A 208 30.25 3.13 13.71
C GLU A 208 31.59 3.71 14.17
N GLU A 209 31.74 5.04 14.05
CA GLU A 209 32.95 5.74 14.46
CA GLU A 209 32.96 5.72 14.46
C GLU A 209 33.09 5.66 15.98
N ARG A 210 32.02 6.03 16.69
CA ARG A 210 32.01 6.12 18.14
CA ARG A 210 32.01 6.12 18.14
C ARG A 210 32.17 4.74 18.77
N LEU A 211 31.56 3.71 18.16
CA LEU A 211 31.50 2.40 18.80
C LEU A 211 32.49 1.41 18.20
N GLN A 212 33.21 1.85 17.16
CA GLN A 212 34.26 1.05 16.53
C GLN A 212 33.77 -0.33 16.12
N ARG A 213 32.56 -0.39 15.56
CA ARG A 213 32.05 -1.67 15.08
C ARG A 213 30.94 -1.37 14.07
N PRO A 214 30.54 -2.34 13.22
CA PRO A 214 29.42 -2.16 12.31
C PRO A 214 28.12 -1.87 13.08
N VAL A 215 27.24 -1.07 12.46
CA VAL A 215 25.95 -0.81 13.07
C VAL A 215 24.91 -1.03 11.97
N LYS A 216 23.84 -1.76 12.26
CA LYS A 216 22.75 -1.91 11.31
C LYS A 216 21.59 -1.00 11.73
N ILE A 217 21.03 -0.28 10.75
CA ILE A 217 19.93 0.63 10.97
C ILE A 217 18.75 0.09 10.17
N GLU A 218 17.59 0.03 10.84
CA GLU A 218 16.36 -0.38 10.16
C GLU A 218 15.26 0.52 10.71
N ASN A 219 14.15 0.60 9.99
CA ASN A 219 13.05 1.40 10.48
C ASN A 219 12.40 0.68 11.66
N ASP A 220 11.91 1.47 12.63
CA ASP A 220 11.28 0.94 13.85
C ASP A 220 10.09 0.05 13.55
N ALA A 221 9.18 0.51 12.66
CA ALA A 221 8.00 -0.30 12.38
C ALA A 221 8.38 -1.57 11.63
N ASN A 222 9.39 -1.48 10.74
CA ASN A 222 9.88 -2.70 10.10
C ASN A 222 10.39 -3.71 11.14
N CYS A 223 11.18 -3.23 12.12
CA CYS A 223 11.70 -4.12 13.15
C CYS A 223 10.57 -4.77 13.95
N PHE A 224 9.61 -3.95 14.36
CA PHE A 224 8.43 -4.42 15.09
C PHE A 224 7.69 -5.49 14.31
N ALA A 225 7.40 -5.20 13.03
CA ALA A 225 6.70 -6.17 12.20
C ALA A 225 7.51 -7.45 12.06
N LEU A 226 8.83 -7.33 11.86
CA LEU A 226 9.65 -8.51 11.68
C LEU A 226 9.55 -9.43 12.92
N SER A 227 9.62 -8.83 14.10
CA SER A 227 9.59 -9.60 15.33
CA SER A 227 9.59 -9.61 15.33
C SER A 227 8.22 -10.25 15.52
N GLU A 228 7.17 -9.45 15.33
CA GLU A 228 5.83 -9.98 15.53
C GLU A 228 5.50 -11.08 14.53
N ALA A 229 5.95 -10.93 13.28
CA ALA A 229 5.64 -11.91 12.24
C ALA A 229 6.35 -13.25 12.47
N TRP A 230 7.46 -13.23 13.23
CA TRP A 230 8.26 -14.42 13.47
CA TRP A 230 8.26 -14.43 13.46
C TRP A 230 7.62 -15.27 14.57
N ASP A 231 6.64 -14.71 15.28
CA ASP A 231 5.92 -15.47 16.30
C ASP A 231 5.29 -16.71 15.65
N GLU A 232 5.34 -17.84 16.38
CA GLU A 232 4.81 -19.12 15.92
CA GLU A 232 4.82 -19.12 15.91
C GLU A 232 3.36 -19.00 15.45
N ASP A 233 2.58 -18.12 16.10
CA ASP A 233 1.17 -17.94 15.75
C ASP A 233 1.00 -17.30 14.37
N LEU A 234 2.00 -16.53 13.90
CA LEU A 234 1.88 -15.82 12.63
C LEU A 234 2.78 -16.44 11.56
N ARG A 235 3.60 -17.43 11.94
CA ARG A 235 4.37 -18.16 10.95
C ARG A 235 3.42 -18.84 9.97
N GLY A 236 3.69 -18.61 8.69
CA GLY A 236 2.86 -19.18 7.65
C GLY A 236 1.83 -18.18 7.12
N GLU A 237 1.68 -17.03 7.78
CA GLU A 237 0.75 -16.03 7.26
C GLU A 237 1.33 -15.41 5.99
N PRO A 238 0.57 -15.31 4.89
CA PRO A 238 1.14 -14.73 3.66
C PRO A 238 1.50 -13.26 3.75
N SER A 239 0.88 -12.52 4.68
CA SER A 239 1.29 -11.13 4.85
C SER A 239 0.98 -10.67 6.27
N VAL A 240 1.81 -9.77 6.78
CA VAL A 240 1.59 -9.17 8.09
C VAL A 240 1.89 -7.68 7.97
N LEU A 241 1.01 -6.83 8.50
CA LEU A 241 1.28 -5.41 8.62
C LEU A 241 1.44 -5.10 10.11
N GLY A 242 2.63 -4.61 10.48
CA GLY A 242 2.85 -4.10 11.83
C GLY A 242 2.62 -2.60 11.82
N LEU A 243 1.73 -2.13 12.69
CA LEU A 243 1.39 -0.71 12.70
CA LEU A 243 1.39 -0.71 12.70
C LEU A 243 1.76 -0.14 14.06
N ILE A 244 2.60 0.91 14.04
CA ILE A 244 2.99 1.61 15.26
CA ILE A 244 3.00 1.62 15.26
C ILE A 244 2.17 2.89 15.37
N LEU A 245 1.51 3.07 16.52
CA LEU A 245 0.76 4.29 16.79
C LEU A 245 1.34 4.86 18.09
N GLY A 246 2.31 5.77 17.93
CA GLY A 246 3.11 6.29 19.02
C GLY A 246 3.15 7.81 18.96
N THR A 247 4.36 8.39 18.90
CA THR A 247 4.46 9.81 18.59
C THR A 247 4.15 9.98 17.10
N GLY A 248 4.37 8.93 16.33
CA GLY A 248 4.03 8.95 14.91
C GLY A 248 3.28 7.70 14.50
N VAL A 249 3.02 7.56 13.19
CA VAL A 249 2.35 6.40 12.66
C VAL A 249 3.33 5.74 11.69
N GLY A 250 3.62 4.44 11.90
CA GLY A 250 4.59 3.73 11.08
C GLY A 250 4.06 2.37 10.69
N GLY A 251 4.51 1.84 9.55
CA GLY A 251 4.07 0.52 9.15
C GLY A 251 5.25 -0.33 8.72
N GLY A 252 5.16 -1.63 9.05
CA GLY A 252 6.14 -2.59 8.55
C GLY A 252 5.42 -3.66 7.74
N LEU A 253 5.87 -3.86 6.48
CA LEU A 253 5.19 -4.79 5.59
C LEU A 253 5.97 -6.07 5.42
N ILE A 254 5.36 -7.19 5.81
CA ILE A 254 5.99 -8.50 5.69
C ILE A 254 5.15 -9.29 4.70
N PHE A 255 5.84 -9.91 3.72
CA PHE A 255 5.20 -10.77 2.76
C PHE A 255 5.93 -12.10 2.81
N ASN A 256 5.19 -13.18 3.05
CA ASN A 256 5.76 -14.52 3.16
C ASN A 256 6.99 -14.52 4.08
N GLY A 257 6.87 -13.83 5.22
CA GLY A 257 7.91 -13.87 6.22
C GLY A 257 9.09 -12.94 5.97
N LYS A 258 9.08 -12.15 4.88
CA LYS A 258 10.21 -11.31 4.55
C LYS A 258 9.77 -9.85 4.49
N VAL A 259 10.56 -8.95 5.07
CA VAL A 259 10.23 -7.54 5.03
CA VAL A 259 10.25 -7.53 5.03
C VAL A 259 10.39 -7.01 3.59
N HIS A 260 9.41 -6.22 3.19
CA HIS A 260 9.53 -5.40 1.98
C HIS A 260 9.94 -4.02 2.50
N SER A 261 11.21 -3.65 2.27
CA SER A 261 11.68 -2.37 2.79
C SER A 261 11.59 -1.27 1.73
N GLY A 262 11.46 -1.68 0.45
CA GLY A 262 11.12 -0.77 -0.63
C GLY A 262 12.34 -0.21 -1.37
N ARG A 263 12.07 0.48 -2.49
CA ARG A 263 13.10 1.04 -3.37
C ARG A 263 14.04 1.97 -2.59
N ALA A 264 13.52 2.71 -1.61
CA ALA A 264 14.34 3.70 -0.92
C ALA A 264 14.10 3.67 0.59
N ASN A 265 13.83 2.47 1.12
CA ASN A 265 13.61 2.30 2.56
C ASN A 265 12.34 3.01 3.04
N ILE A 266 11.36 3.24 2.14
CA ILE A 266 10.17 4.01 2.51
C ILE A 266 8.94 3.10 2.64
N ALA A 267 9.06 1.82 2.27
CA ALA A 267 7.87 0.98 2.30
C ALA A 267 7.26 1.01 3.71
N GLY A 268 5.93 1.12 3.73
CA GLY A 268 5.22 1.12 5.00
C GLY A 268 5.08 2.50 5.66
N GLU A 269 5.54 3.57 4.98
CA GLU A 269 5.47 4.93 5.51
C GLU A 269 4.06 5.51 5.37
N ILE A 270 3.08 4.76 5.89
CA ILE A 270 1.68 5.13 5.81
C ILE A 270 1.42 6.43 6.58
N GLY A 271 2.28 6.73 7.57
CA GLY A 271 2.17 7.97 8.32
C GLY A 271 2.35 9.20 7.45
N HIS A 272 3.03 9.05 6.30
CA HIS A 272 3.23 10.22 5.45
C HIS A 272 2.43 10.09 4.17
N THR A 273 1.22 9.53 4.31
CA THR A 273 0.19 9.64 3.29
C THR A 273 -0.83 10.63 3.85
N ARG A 274 -1.49 11.36 2.95
CA ARG A 274 -2.41 12.42 3.35
C ARG A 274 -3.79 11.85 3.70
N LEU A 275 -4.49 12.54 4.60
CA LEU A 275 -5.84 12.10 4.97
C LEU A 275 -6.66 11.86 3.70
N PRO A 276 -7.36 10.73 3.58
CA PRO A 276 -8.28 10.51 2.46
C PRO A 276 -9.55 11.35 2.58
N TYR A 277 -10.23 11.55 1.44
CA TYR A 277 -11.41 12.39 1.36
C TYR A 277 -12.44 12.02 2.42
N ASP A 278 -12.71 10.73 2.64
CA ASP A 278 -13.72 10.32 3.60
C ASP A 278 -13.32 10.72 5.03
N ALA A 279 -12.02 10.71 5.32
CA ALA A 279 -11.54 11.19 6.62
C ALA A 279 -11.71 12.71 6.73
N LEU A 280 -11.39 13.44 5.65
CA LEU A 280 -11.53 14.88 5.65
CA LEU A 280 -11.54 14.88 5.65
C LEU A 280 -13.00 15.25 5.87
N LYS A 281 -13.90 14.51 5.21
CA LYS A 281 -15.33 14.72 5.33
C LYS A 281 -15.75 14.61 6.80
N LEU A 282 -15.27 13.56 7.47
CA LEU A 282 -15.60 13.36 8.88
C LEU A 282 -15.15 14.55 9.71
N LEU A 283 -13.98 15.11 9.36
CA LEU A 283 -13.37 16.17 10.18
C LEU A 283 -13.85 17.56 9.77
N GLY A 284 -14.78 17.63 8.82
CA GLY A 284 -15.39 18.92 8.47
C GLY A 284 -14.88 19.54 7.18
N MET A 285 -14.15 18.77 6.33
CA MET A 285 -13.75 19.22 5.00
CA MET A 285 -13.75 19.22 5.00
C MET A 285 -12.92 20.50 5.07
N GLU A 286 -13.43 21.64 4.55
CA GLU A 286 -12.62 22.86 4.54
C GLU A 286 -12.41 23.40 5.96
N ASN A 287 -13.15 22.87 6.93
CA ASN A 287 -12.97 23.29 8.31
C ASN A 287 -12.14 22.27 9.11
N ALA A 288 -11.70 21.19 8.45
CA ALA A 288 -10.92 20.18 9.15
C ALA A 288 -9.59 20.76 9.63
N PRO A 289 -9.06 20.30 10.79
CA PRO A 289 -7.73 20.71 11.20
C PRO A 289 -6.71 20.06 10.27
N ILE A 290 -5.85 20.90 9.67
CA ILE A 290 -4.77 20.46 8.81
C ILE A 290 -3.47 20.63 9.58
N PHE A 291 -2.97 19.52 10.14
CA PHE A 291 -1.79 19.64 11.00
C PHE A 291 -0.53 19.60 10.17
N PRO A 292 0.48 20.44 10.52
CA PRO A 292 1.78 20.38 9.87
C PRO A 292 2.50 19.08 10.23
N CYS A 293 3.36 18.61 9.32
CA CYS A 293 4.09 17.38 9.58
C CYS A 293 5.60 17.65 9.62
N GLY A 294 6.30 16.82 10.39
CA GLY A 294 7.76 16.87 10.44
C GLY A 294 8.41 16.58 9.09
N CYS A 295 7.68 15.92 8.16
CA CYS A 295 8.25 15.68 6.83
C CYS A 295 8.17 16.93 5.94
N LYS A 296 7.49 17.97 6.44
CA LYS A 296 7.30 19.28 5.82
C LYS A 296 6.07 19.33 4.92
N ASN A 297 5.38 18.19 4.76
CA ASN A 297 4.07 18.19 4.13
C ASN A 297 3.02 18.57 5.17
N SER A 298 1.75 18.52 4.78
CA SER A 298 0.65 18.87 5.67
C SER A 298 -0.51 17.90 5.50
N GLY A 299 -1.18 17.58 6.61
CA GLY A 299 -2.30 16.66 6.52
C GLY A 299 -1.89 15.19 6.50
N CYS A 300 -0.63 14.89 6.83
CA CYS A 300 -0.14 13.52 6.91
C CYS A 300 -0.79 12.82 8.11
N ILE A 301 -1.17 11.56 7.94
CA ILE A 301 -1.94 10.85 8.97
CA ILE A 301 -1.94 10.87 8.98
C ILE A 301 -1.08 10.59 10.23
N ASP A 302 0.24 10.72 10.10
CA ASP A 302 1.19 10.67 11.22
C ASP A 302 0.73 11.56 12.39
N ASN A 303 0.07 12.67 12.06
CA ASN A 303 -0.31 13.71 13.02
C ASN A 303 -1.77 13.59 13.45
N TYR A 304 -2.43 12.46 13.13
CA TYR A 304 -3.83 12.24 13.42
C TYR A 304 -4.07 10.93 14.15
N LEU A 305 -3.46 9.82 13.69
CA LEU A 305 -3.78 8.49 14.21
C LEU A 305 -2.81 8.02 15.30
N SER A 306 -1.72 8.76 15.47
CA SER A 306 -0.72 8.43 16.49
C SER A 306 -1.31 8.80 17.85
N GLY A 307 -0.65 8.40 18.95
CA GLY A 307 -1.09 8.93 20.24
C GLY A 307 -0.97 10.46 20.28
N ARG A 308 0.07 11.02 19.65
CA ARG A 308 0.20 12.47 19.54
C ARG A 308 -0.99 13.05 18.76
N GLY A 309 -1.32 12.42 17.63
CA GLY A 309 -2.43 12.92 16.84
C GLY A 309 -3.77 12.87 17.58
N PHE A 310 -3.98 11.81 18.35
CA PHE A 310 -5.17 11.63 19.18
C PHE A 310 -5.24 12.84 20.13
N GLU A 311 -4.11 13.20 20.75
CA GLU A 311 -4.04 14.38 21.61
C GLU A 311 -4.31 15.68 20.84
N GLN A 312 -3.69 15.84 19.67
CA GLN A 312 -3.84 17.07 18.92
C GLN A 312 -5.28 17.25 18.46
N LEU A 313 -5.95 16.15 18.10
CA LEU A 313 -7.34 16.24 17.68
C LEU A 313 -8.21 16.66 18.85
N TYR A 314 -7.94 16.10 20.04
CA TYR A 314 -8.70 16.50 21.23
C TYR A 314 -8.53 18.01 21.45
N ASP A 315 -7.28 18.48 21.44
CA ASP A 315 -6.99 19.89 21.73
C ASP A 315 -7.65 20.78 20.67
N HIS A 316 -7.63 20.34 19.41
CA HIS A 316 -8.21 21.17 18.36
C HIS A 316 -9.68 21.42 18.62
N TYR A 317 -10.43 20.38 18.99
CA TYR A 317 -11.87 20.51 19.17
C TYR A 317 -12.26 21.07 20.54
N PHE A 318 -11.41 20.90 21.56
CA PHE A 318 -11.87 21.19 22.93
C PHE A 318 -10.99 22.21 23.68
N SER A 319 -9.90 22.66 23.03
CA SER A 319 -8.99 23.67 23.56
CA SER A 319 -8.96 23.65 23.55
C SER A 319 -8.51 23.34 24.98
N GLU A 320 -7.92 22.17 25.16
CA GLU A 320 -7.23 21.79 26.39
C GLU A 320 -6.19 20.75 26.01
N LYS A 321 -4.97 20.92 26.53
CA LYS A 321 -3.85 20.05 26.22
C LYS A 321 -3.79 18.86 27.17
N LEU A 322 -4.57 17.82 26.86
CA LEU A 322 -4.62 16.62 27.67
C LEU A 322 -3.79 15.53 27.00
N SER A 323 -3.21 14.64 27.82
CA SER A 323 -2.50 13.49 27.28
C SER A 323 -3.47 12.42 26.81
N ALA A 324 -2.99 11.50 25.93
CA ALA A 324 -3.85 10.40 25.50
C ALA A 324 -4.36 9.61 26.71
N PRO A 325 -3.51 9.16 27.68
CA PRO A 325 -4.04 8.42 28.83
C PRO A 325 -5.09 9.20 29.62
N GLU A 326 -4.92 10.51 29.75
CA GLU A 326 -5.89 11.32 30.48
CA GLU A 326 -5.87 11.36 30.44
C GLU A 326 -7.22 11.35 29.73
N ILE A 327 -7.18 11.54 28.39
CA ILE A 327 -8.41 11.58 27.61
C ILE A 327 -9.12 10.24 27.73
N ILE A 328 -8.36 9.14 27.64
CA ILE A 328 -8.93 7.80 27.73
C ILE A 328 -9.58 7.61 29.12
N ALA A 329 -8.91 8.10 30.16
CA ALA A 329 -9.50 8.00 31.48
C ALA A 329 -10.81 8.79 31.58
N HIS A 330 -10.86 9.99 31.00
CA HIS A 330 -12.10 10.76 30.99
C HIS A 330 -13.19 9.99 30.22
N TYR A 331 -12.78 9.40 29.08
CA TYR A 331 -13.68 8.55 28.31
C TYR A 331 -14.27 7.44 29.18
N GLU A 332 -13.42 6.75 29.98
CA GLU A 332 -13.86 5.63 30.81
C GLU A 332 -14.87 6.11 31.86
N GLN A 333 -14.79 7.40 32.24
CA GLN A 333 -15.75 7.99 33.18
C GLN A 333 -17.00 8.51 32.45
N GLY A 334 -17.01 8.42 31.11
CA GLY A 334 -18.18 8.84 30.33
C GLY A 334 -18.31 10.35 30.17
N GLU A 335 -17.20 11.08 30.33
CA GLU A 335 -17.21 12.53 30.22
C GLU A 335 -17.52 12.93 28.78
N ARG A 336 -18.40 13.91 28.61
CA ARG A 336 -18.98 14.30 27.31
C ARG A 336 -17.93 14.56 26.22
N ARG A 337 -16.95 15.42 26.48
CA ARG A 337 -15.98 15.80 25.45
C ARG A 337 -15.16 14.58 25.03
N ALA A 338 -14.70 13.80 26.01
CA ALA A 338 -13.89 12.62 25.72
C ALA A 338 -14.68 11.58 24.93
N VAL A 339 -15.96 11.41 25.26
CA VAL A 339 -16.82 10.47 24.54
C VAL A 339 -16.95 10.92 23.09
N GLN A 340 -17.21 12.22 22.88
CA GLN A 340 -17.30 12.75 21.52
C GLN A 340 -15.97 12.56 20.77
N HIS A 341 -14.85 12.88 21.44
CA HIS A 341 -13.53 12.72 20.85
C HIS A 341 -13.28 11.27 20.42
N VAL A 342 -13.58 10.33 21.33
CA VAL A 342 -13.25 8.94 21.05
C VAL A 342 -14.11 8.40 19.90
N GLU A 343 -15.38 8.81 19.81
CA GLU A 343 -16.23 8.41 18.68
C GLU A 343 -15.62 8.91 17.38
N ARG A 344 -15.23 10.18 17.35
CA ARG A 344 -14.64 10.78 16.16
CA ARG A 344 -14.63 10.80 16.17
C ARG A 344 -13.35 10.05 15.81
N PHE A 345 -12.52 9.79 16.83
CA PHE A 345 -11.24 9.17 16.57
C PHE A 345 -11.41 7.74 16.05
N MET A 346 -12.32 6.97 16.63
CA MET A 346 -12.50 5.57 16.24
CA MET A 346 -12.49 5.57 16.24
C MET A 346 -12.94 5.52 14.79
N GLU A 347 -13.85 6.43 14.41
CA GLU A 347 -14.32 6.47 13.03
C GLU A 347 -13.19 6.91 12.11
N LEU A 348 -12.41 7.92 12.51
CA LEU A 348 -11.28 8.38 11.71
C LEU A 348 -10.27 7.26 11.49
N LEU A 349 -9.94 6.55 12.57
CA LEU A 349 -9.03 5.41 12.47
C LEU A 349 -9.56 4.36 11.50
N ALA A 350 -10.84 4.00 11.63
CA ALA A 350 -11.43 2.98 10.76
C ALA A 350 -11.40 3.43 9.29
N ILE A 351 -11.71 4.70 9.05
CA ILE A 351 -11.72 5.19 7.67
C ILE A 351 -10.32 5.12 7.09
N CYS A 352 -9.33 5.64 7.84
CA CYS A 352 -7.97 5.68 7.31
C CYS A 352 -7.43 4.28 7.09
N LEU A 353 -7.65 3.38 8.05
CA LEU A 353 -7.11 2.03 7.90
C LEU A 353 -7.89 1.29 6.81
N ALA A 354 -9.17 1.57 6.61
CA ALA A 354 -9.90 0.92 5.52
C ALA A 354 -9.27 1.31 4.18
N ASN A 355 -8.91 2.58 4.01
CA ASN A 355 -8.25 2.98 2.77
C ASN A 355 -6.95 2.19 2.62
N ILE A 356 -6.13 2.13 3.69
CA ILE A 356 -4.85 1.43 3.61
CA ILE A 356 -4.85 1.43 3.61
C ILE A 356 -5.07 -0.05 3.31
N PHE A 357 -6.10 -0.67 3.92
CA PHE A 357 -6.34 -2.09 3.72
C PHE A 357 -6.90 -2.40 2.33
N THR A 358 -7.50 -1.40 1.67
CA THR A 358 -8.00 -1.60 0.30
C THR A 358 -6.80 -1.66 -0.65
N CYS A 359 -5.72 -0.97 -0.30
CA CYS A 359 -4.48 -1.05 -1.07
C CYS A 359 -3.69 -2.32 -0.70
N LEU A 360 -3.49 -2.57 0.59
CA LEU A 360 -2.54 -3.59 1.04
CA LEU A 360 -2.54 -3.59 1.05
C LEU A 360 -3.19 -4.96 1.32
N ASP A 361 -4.47 -4.97 1.74
CA ASP A 361 -5.20 -6.20 2.05
C ASP A 361 -4.37 -7.19 2.88
N PRO A 362 -3.87 -6.78 4.07
CA PRO A 362 -3.00 -7.66 4.84
C PRO A 362 -3.79 -8.80 5.50
N HIS A 363 -3.11 -9.92 5.72
CA HIS A 363 -3.75 -11.05 6.38
C HIS A 363 -3.90 -10.80 7.87
N VAL A 364 -2.86 -10.23 8.47
CA VAL A 364 -2.80 -9.95 9.90
C VAL A 364 -2.31 -8.53 10.09
N VAL A 365 -2.91 -7.80 11.05
CA VAL A 365 -2.47 -6.48 11.40
C VAL A 365 -2.15 -6.52 12.90
N VAL A 366 -0.92 -6.15 13.25
CA VAL A 366 -0.47 -6.17 14.64
CA VAL A 366 -0.53 -6.16 14.65
C VAL A 366 -0.21 -4.74 15.07
N LEU A 367 -0.82 -4.29 16.18
CA LEU A 367 -0.69 -2.91 16.58
C LEU A 367 0.32 -2.81 17.73
N GLY A 368 1.18 -1.81 17.62
CA GLY A 368 2.16 -1.48 18.64
C GLY A 368 2.22 0.01 18.88
N GLY A 369 3.11 0.42 19.80
CA GLY A 369 3.21 1.81 20.19
C GLY A 369 2.24 2.14 21.33
N GLY A 370 2.44 3.32 21.93
CA GLY A 370 1.68 3.71 23.11
C GLY A 370 0.16 3.56 22.91
N LEU A 371 -0.36 4.05 21.78
CA LEU A 371 -1.80 4.06 21.61
C LEU A 371 -2.38 2.66 21.41
N SER A 372 -1.54 1.68 21.10
CA SER A 372 -2.01 0.30 21.00
C SER A 372 -2.51 -0.25 22.35
N ASN A 373 -2.24 0.49 23.44
CA ASN A 373 -2.74 0.07 24.74
C ASN A 373 -4.21 0.47 24.94
N PHE A 374 -4.77 1.26 24.01
CA PHE A 374 -6.18 1.65 24.14
C PHE A 374 -7.05 0.49 23.67
N GLU A 375 -7.57 -0.29 24.63
CA GLU A 375 -8.20 -1.58 24.36
CA GLU A 375 -8.18 -1.58 24.34
C GLU A 375 -9.43 -1.44 23.46
N LEU A 376 -10.11 -0.29 23.56
CA LEU A 376 -11.31 -0.08 22.78
C LEU A 376 -11.05 -0.26 21.28
N ILE A 377 -9.82 0.02 20.83
CA ILE A 377 -9.49 -0.09 19.40
C ILE A 377 -9.82 -1.49 18.89
N TYR A 378 -9.50 -2.53 19.67
CA TYR A 378 -9.66 -3.91 19.18
C TYR A 378 -11.12 -4.32 19.07
N GLN A 379 -11.98 -3.64 19.84
CA GLN A 379 -13.42 -3.87 19.80
CA GLN A 379 -13.41 -3.88 19.80
C GLN A 379 -14.03 -3.09 18.64
N GLU A 380 -13.60 -1.83 18.47
CA GLU A 380 -14.28 -0.94 17.55
C GLU A 380 -13.84 -1.13 16.09
N LEU A 381 -12.55 -1.38 15.86
CA LEU A 381 -12.11 -1.52 14.46
C LEU A 381 -12.90 -2.55 13.67
N PRO A 382 -13.07 -3.81 14.14
CA PRO A 382 -13.82 -4.80 13.38
C PRO A 382 -15.27 -4.38 13.11
N LYS A 383 -15.85 -3.59 14.02
CA LYS A 383 -17.21 -3.13 13.83
C LYS A 383 -17.28 -2.04 12.76
N ARG A 384 -16.27 -1.16 12.71
CA ARG A 384 -16.35 0.04 11.89
C ARG A 384 -15.69 -0.10 10.51
N LEU A 385 -14.76 -1.06 10.36
CA LEU A 385 -14.08 -1.20 9.07
C LEU A 385 -15.01 -1.59 7.92
N PRO A 386 -15.94 -2.56 8.07
CA PRO A 386 -16.69 -3.06 6.90
C PRO A 386 -17.36 -2.01 6.04
N ALA A 387 -17.92 -0.95 6.65
CA ALA A 387 -18.64 0.09 5.91
C ALA A 387 -17.72 0.77 4.91
N HIS A 388 -16.42 0.82 5.20
CA HIS A 388 -15.49 1.61 4.41
C HIS A 388 -14.64 0.73 3.49
N LEU A 389 -14.77 -0.59 3.60
CA LEU A 389 -14.04 -1.52 2.74
C LEU A 389 -14.91 -1.90 1.55
N LEU A 390 -14.32 -2.60 0.57
CA LEU A 390 -15.11 -3.14 -0.52
C LEU A 390 -16.07 -4.19 0.01
N HIS A 391 -17.16 -4.39 -0.73
CA HIS A 391 -18.25 -5.24 -0.26
C HIS A 391 -17.79 -6.66 0.03
N VAL A 392 -16.83 -7.21 -0.74
CA VAL A 392 -16.40 -8.58 -0.53
C VAL A 392 -15.16 -8.66 0.35
N ALA A 393 -14.74 -7.53 0.94
CA ALA A 393 -13.59 -7.56 1.84
C ALA A 393 -13.86 -8.43 3.05
N LYS A 394 -12.83 -9.16 3.50
CA LYS A 394 -12.90 -9.87 4.77
C LYS A 394 -11.89 -9.20 5.70
N LEU A 395 -12.22 -9.11 6.98
CA LEU A 395 -11.35 -8.37 7.86
C LEU A 395 -10.05 -9.14 8.08
N PRO A 396 -8.92 -8.43 8.25
CA PRO A 396 -7.70 -9.13 8.69
C PRO A 396 -7.89 -9.54 10.13
N LYS A 397 -7.05 -10.46 10.58
CA LYS A 397 -6.87 -10.70 12.00
C LYS A 397 -6.19 -9.46 12.57
N ILE A 398 -6.80 -8.81 13.57
CA ILE A 398 -6.26 -7.58 14.14
C ILE A 398 -5.90 -7.91 15.59
N ILE A 399 -4.61 -7.77 15.94
CA ILE A 399 -4.18 -8.19 17.27
C ILE A 399 -3.27 -7.12 17.87
N LYS A 400 -3.24 -7.09 19.22
CA LYS A 400 -2.27 -6.28 19.93
C LYS A 400 -0.93 -7.03 19.92
N ALA A 401 0.18 -6.28 19.93
CA ALA A 401 1.53 -6.84 19.92
C ALA A 401 1.68 -8.00 20.91
N ARG A 402 2.18 -9.13 20.41
CA ARG A 402 2.37 -10.32 21.25
CA ARG A 402 2.36 -10.31 21.25
C ARG A 402 3.67 -10.23 22.04
N HIS A 403 4.57 -9.34 21.63
CA HIS A 403 5.85 -9.24 22.33
C HIS A 403 5.83 -7.98 23.20
N GLY A 404 4.61 -7.54 23.54
CA GLY A 404 4.44 -6.36 24.37
C GLY A 404 5.07 -5.12 23.75
N ASP A 405 5.97 -4.49 24.52
CA ASP A 405 6.66 -3.29 24.06
C ASP A 405 8.07 -3.63 23.56
N ALA A 406 8.35 -4.92 23.32
CA ALA A 406 9.70 -5.35 23.02
C ALA A 406 9.93 -5.72 21.55
N GLY A 407 8.89 -5.72 20.72
CA GLY A 407 9.08 -6.22 19.35
C GLY A 407 10.10 -5.39 18.56
N GLY A 408 10.12 -4.08 18.77
CA GLY A 408 11.06 -3.22 18.08
C GLY A 408 12.50 -3.53 18.48
N VAL A 409 12.76 -3.68 19.78
CA VAL A 409 14.08 -3.98 20.30
CA VAL A 409 14.10 -3.96 20.27
C VAL A 409 14.53 -5.34 19.80
N ARG A 410 13.62 -6.32 19.84
CA ARG A 410 13.96 -7.67 19.41
C ARG A 410 14.25 -7.69 17.91
N GLY A 411 13.36 -7.05 17.13
CA GLY A 411 13.58 -6.96 15.69
C GLY A 411 14.94 -6.35 15.34
N ALA A 412 15.26 -5.23 16.02
CA ALA A 412 16.53 -4.55 15.82
C ALA A 412 17.70 -5.43 16.23
N ALA A 413 17.59 -6.10 17.38
CA ALA A 413 18.71 -6.88 17.90
C ALA A 413 19.05 -7.98 16.90
N PHE A 414 18.01 -8.59 16.34
CA PHE A 414 18.15 -9.80 15.56
C PHE A 414 18.40 -9.50 14.08
N LEU A 415 18.60 -8.22 13.74
CA LEU A 415 19.09 -7.90 12.41
C LEU A 415 20.49 -8.53 12.28
N ASN A 416 21.17 -8.73 13.41
CA ASN A 416 22.54 -9.22 13.43
C ASN A 416 22.61 -10.73 13.63
N LEU A 417 21.47 -11.43 13.49
CA LEU A 417 21.43 -12.87 13.70
C LEU A 417 22.08 -13.59 12.53
N PHE B 112 1.21 -34.81 -31.85
CA PHE B 112 0.23 -34.24 -30.89
C PHE B 112 0.68 -32.84 -30.48
N GLN B 113 -0.30 -31.94 -30.30
CA GLN B 113 -0.05 -30.52 -30.08
C GLN B 113 0.74 -30.29 -28.79
N GLY B 114 0.43 -31.08 -27.76
CA GLY B 114 1.01 -30.88 -26.43
C GLY B 114 0.09 -30.03 -25.56
N THR B 115 0.58 -29.68 -24.36
CA THR B 115 -0.15 -28.81 -23.44
C THR B 115 -0.41 -27.48 -24.13
N MET B 116 -1.61 -26.93 -23.91
CA MET B 116 -1.96 -25.60 -24.40
C MET B 116 -2.54 -24.79 -23.25
N TYR B 117 -2.17 -23.50 -23.18
CA TYR B 117 -2.64 -22.65 -22.10
C TYR B 117 -3.55 -21.58 -22.68
N TYR B 118 -4.78 -21.50 -22.19
CA TYR B 118 -5.67 -20.45 -22.66
C TYR B 118 -5.74 -19.34 -21.62
N GLY B 119 -5.75 -18.10 -22.09
CA GLY B 119 -5.98 -16.96 -21.22
C GLY B 119 -7.10 -16.09 -21.76
N PHE B 120 -7.89 -15.55 -20.84
CA PHE B 120 -8.91 -14.59 -21.19
C PHE B 120 -8.62 -13.31 -20.43
N ASP B 121 -8.69 -12.19 -21.16
CA ASP B 121 -8.75 -10.87 -20.56
CA ASP B 121 -8.76 -10.88 -20.54
C ASP B 121 -10.17 -10.35 -20.76
N ILE B 122 -10.97 -10.35 -19.69
CA ILE B 122 -12.37 -10.00 -19.82
C ILE B 122 -12.54 -8.53 -19.47
N GLY B 123 -12.99 -7.73 -20.43
CA GLY B 123 -13.25 -6.31 -20.16
C GLY B 123 -14.73 -5.98 -20.30
N GLY B 124 -15.09 -4.74 -19.98
CA GLY B 124 -16.46 -4.28 -20.05
C GLY B 124 -17.07 -4.38 -21.44
N THR B 125 -16.24 -4.21 -22.49
CA THR B 125 -16.81 -4.20 -23.84
C THR B 125 -16.36 -5.39 -24.69
N LYS B 126 -15.12 -5.87 -24.47
CA LYS B 126 -14.66 -7.02 -25.25
C LYS B 126 -13.98 -8.05 -24.35
N ILE B 127 -14.02 -9.30 -24.83
CA ILE B 127 -13.30 -10.43 -24.24
C ILE B 127 -12.17 -10.75 -25.21
N GLU B 128 -10.93 -10.74 -24.70
CA GLU B 128 -9.78 -11.12 -25.53
C GLU B 128 -9.33 -12.50 -25.08
N PHE B 129 -9.10 -13.40 -26.06
CA PHE B 129 -8.65 -14.75 -25.78
C PHE B 129 -7.29 -14.97 -26.43
N GLY B 130 -6.43 -15.70 -25.75
CA GLY B 130 -5.15 -16.13 -26.30
C GLY B 130 -4.93 -17.60 -25.99
N ALA B 131 -4.34 -18.34 -26.95
CA ALA B 131 -3.92 -19.71 -26.68
C ALA B 131 -2.42 -19.74 -26.89
N PHE B 132 -1.71 -20.34 -25.93
CA PHE B 132 -0.27 -20.42 -25.98
C PHE B 132 0.15 -21.88 -25.95
N ASP B 133 1.10 -22.23 -26.82
CA ASP B 133 1.51 -23.64 -26.90
C ASP B 133 2.50 -23.97 -25.80
N ALA B 134 3.06 -25.19 -25.85
CA ALA B 134 3.90 -25.68 -24.77
C ALA B 134 5.17 -24.86 -24.63
N ASP B 135 5.60 -24.21 -25.74
CA ASP B 135 6.77 -23.34 -25.71
C ASP B 135 6.36 -21.90 -25.38
N LEU B 136 5.08 -21.69 -25.03
CA LEU B 136 4.53 -20.41 -24.60
C LEU B 136 4.41 -19.43 -25.76
N VAL B 137 4.41 -19.93 -26.99
CA VAL B 137 4.23 -19.05 -28.14
C VAL B 137 2.74 -18.81 -28.32
N ARG B 138 2.34 -17.56 -28.59
CA ARG B 138 0.92 -17.31 -28.80
C ARG B 138 0.50 -17.80 -30.18
N VAL B 139 -0.42 -18.78 -30.22
CA VAL B 139 -0.83 -19.41 -31.48
C VAL B 139 -2.29 -19.15 -31.79
N ALA B 140 -3.01 -18.49 -30.85
CA ALA B 140 -4.37 -18.07 -31.17
C ALA B 140 -4.61 -16.70 -30.53
N ARG B 141 -5.38 -15.88 -31.23
CA ARG B 141 -5.82 -14.60 -30.70
C ARG B 141 -7.24 -14.39 -31.23
N GLU B 142 -8.20 -14.26 -30.31
CA GLU B 142 -9.59 -14.02 -30.69
C GLU B 142 -10.14 -12.92 -29.81
N ARG B 143 -11.10 -12.17 -30.35
CA ARG B 143 -11.76 -11.09 -29.62
CA ARG B 143 -11.77 -11.13 -29.59
C ARG B 143 -13.26 -11.16 -29.93
N VAL B 144 -14.09 -11.09 -28.89
CA VAL B 144 -15.54 -11.10 -29.05
C VAL B 144 -16.11 -10.00 -28.14
N ALA B 145 -17.37 -9.61 -28.40
CA ALA B 145 -18.04 -8.63 -27.55
C ALA B 145 -18.32 -9.28 -26.19
N THR B 146 -18.17 -8.47 -25.13
CA THR B 146 -18.57 -8.96 -23.82
C THR B 146 -20.10 -8.90 -23.72
N PRO B 147 -20.83 -10.03 -23.55
CA PRO B 147 -22.29 -9.96 -23.31
C PRO B 147 -22.56 -9.15 -22.04
N THR B 148 -23.39 -8.10 -22.14
CA THR B 148 -23.48 -7.13 -21.05
C THR B 148 -24.72 -7.33 -20.19
N GLU B 149 -25.69 -8.10 -20.69
CA GLU B 149 -26.96 -8.26 -20.00
C GLU B 149 -27.03 -9.66 -19.39
N SER B 150 -27.03 -10.68 -20.26
CA SER B 150 -27.34 -12.04 -19.86
C SER B 150 -26.08 -12.78 -19.35
N TYR B 151 -26.15 -13.34 -18.14
CA TYR B 151 -25.04 -14.14 -17.63
C TYR B 151 -24.90 -15.43 -18.44
N ALA B 152 -26.03 -16.01 -18.87
CA ALA B 152 -25.94 -17.22 -19.68
C ALA B 152 -25.17 -16.93 -20.98
N ALA B 153 -25.39 -15.75 -21.56
CA ALA B 153 -24.74 -15.34 -22.81
C ALA B 153 -23.25 -15.09 -22.59
N PHE B 154 -22.94 -14.54 -21.41
CA PHE B 154 -21.57 -14.30 -20.97
C PHE B 154 -20.82 -15.62 -20.89
N LEU B 155 -21.42 -16.61 -20.21
CA LEU B 155 -20.77 -17.90 -20.07
C LEU B 155 -20.60 -18.54 -21.45
N ASP B 156 -21.63 -18.41 -22.29
CA ASP B 156 -21.62 -19.02 -23.62
C ASP B 156 -20.42 -18.51 -24.43
N ALA B 157 -20.21 -17.19 -24.42
CA ALA B 157 -19.11 -16.56 -25.15
C ALA B 157 -17.76 -17.17 -24.75
N ILE B 158 -17.56 -17.41 -23.44
CA ILE B 158 -16.29 -17.94 -22.94
C ILE B 158 -16.18 -19.40 -23.35
N VAL B 159 -17.27 -20.15 -23.14
CA VAL B 159 -17.24 -21.58 -23.37
C VAL B 159 -16.99 -21.85 -24.86
N THR B 160 -17.61 -21.05 -25.73
CA THR B 160 -17.46 -21.20 -27.17
C THR B 160 -15.98 -21.03 -27.55
N LEU B 161 -15.32 -19.99 -27.01
CA LEU B 161 -13.92 -19.78 -27.34
C LEU B 161 -13.06 -20.97 -26.92
N VAL B 162 -13.30 -21.52 -25.73
CA VAL B 162 -12.50 -22.64 -25.25
C VAL B 162 -12.76 -23.84 -26.17
N ASN B 163 -14.05 -24.12 -26.43
CA ASN B 163 -14.43 -25.29 -27.19
C ASN B 163 -13.86 -25.22 -28.62
N ASN B 164 -14.00 -24.05 -29.27
CA ASN B 164 -13.47 -23.82 -30.60
C ASN B 164 -11.98 -24.10 -30.65
N ALA B 165 -11.23 -23.53 -29.68
CA ALA B 165 -9.78 -23.67 -29.64
C ALA B 165 -9.41 -25.13 -29.42
N ASP B 166 -10.16 -25.80 -28.55
CA ASP B 166 -9.90 -27.21 -28.27
C ASP B 166 -10.05 -28.01 -29.57
N ALA B 167 -11.10 -27.71 -30.33
CA ALA B 167 -11.41 -28.41 -31.59
C ALA B 167 -10.31 -28.15 -32.62
N GLU B 168 -9.83 -26.91 -32.66
CA GLU B 168 -8.83 -26.42 -33.61
C GLU B 168 -7.47 -27.09 -33.39
N PHE B 169 -7.09 -27.28 -32.13
CA PHE B 169 -5.74 -27.75 -31.84
C PHE B 169 -5.75 -29.22 -31.41
N GLY B 170 -6.96 -29.77 -31.22
CA GLY B 170 -7.14 -31.15 -30.79
C GLY B 170 -6.61 -31.40 -29.39
N VAL B 171 -6.98 -30.51 -28.43
CA VAL B 171 -6.49 -30.58 -27.07
C VAL B 171 -7.60 -30.15 -26.12
N LYS B 172 -7.36 -30.34 -24.82
CA LYS B 172 -8.14 -29.65 -23.80
C LYS B 172 -7.24 -28.61 -23.13
N GLY B 173 -7.38 -27.35 -23.54
CA GLY B 173 -6.49 -26.33 -22.99
C GLY B 173 -6.81 -26.00 -21.52
N THR B 174 -5.79 -25.60 -20.76
CA THR B 174 -6.00 -25.02 -19.43
C THR B 174 -6.66 -23.66 -19.54
N VAL B 175 -7.39 -23.23 -18.50
CA VAL B 175 -8.18 -22.00 -18.60
C VAL B 175 -7.86 -21.07 -17.44
N GLY B 176 -7.35 -19.88 -17.79
CA GLY B 176 -7.07 -18.83 -16.83
C GLY B 176 -7.81 -17.59 -17.27
N ILE B 177 -8.43 -16.87 -16.31
CA ILE B 177 -9.28 -15.74 -16.66
C ILE B 177 -8.90 -14.56 -15.79
N GLY B 178 -8.58 -13.43 -16.44
CA GLY B 178 -8.38 -12.14 -15.80
C GLY B 178 -9.65 -11.29 -15.95
N ILE B 179 -10.08 -10.69 -14.84
CA ILE B 179 -11.30 -9.92 -14.91
C ILE B 179 -11.18 -8.73 -13.97
N PRO B 180 -11.69 -7.51 -14.29
N PRO B 180 -11.86 -7.60 -14.27
CA PRO B 180 -11.68 -6.42 -13.33
CA PRO B 180 -11.65 -6.33 -13.55
C PRO B 180 -12.59 -6.82 -12.19
C PRO B 180 -12.56 -6.29 -12.35
N GLY B 181 -12.26 -6.37 -10.98
N GLY B 181 -12.24 -7.12 -11.36
CA GLY B 181 -13.03 -6.77 -9.81
CA GLY B 181 -12.98 -7.12 -10.12
C GLY B 181 -12.40 -7.95 -9.08
C GLY B 181 -12.38 -8.12 -9.15
N ILE B 182 -13.19 -8.55 -8.18
CA ILE B 182 -12.72 -9.44 -7.14
CA ILE B 182 -12.68 -9.47 -7.20
C ILE B 182 -13.63 -10.66 -7.12
N ALA B 183 -13.03 -11.86 -7.08
CA ALA B 183 -13.80 -13.05 -6.73
C ALA B 183 -13.73 -13.22 -5.22
N ASP B 184 -14.91 -13.19 -4.56
CA ASP B 184 -14.97 -13.34 -3.11
C ASP B 184 -14.17 -14.57 -2.68
N VAL B 185 -13.28 -14.40 -1.69
CA VAL B 185 -12.36 -15.44 -1.28
CA VAL B 185 -12.36 -15.45 -1.29
C VAL B 185 -13.08 -16.61 -0.62
N GLU B 186 -14.30 -16.38 -0.12
CA GLU B 186 -15.07 -17.42 0.53
C GLU B 186 -16.11 -18.01 -0.41
N THR B 187 -16.87 -17.16 -1.12
CA THR B 187 -18.02 -17.63 -1.88
C THR B 187 -17.72 -17.83 -3.37
N GLY B 188 -16.65 -17.19 -3.87
CA GLY B 188 -16.35 -17.24 -5.29
C GLY B 188 -17.22 -16.29 -6.13
N LYS B 189 -18.15 -15.56 -5.50
CA LYS B 189 -19.00 -14.65 -6.25
C LYS B 189 -18.20 -13.42 -6.67
N LEU B 190 -18.46 -12.95 -7.90
CA LEU B 190 -17.66 -11.87 -8.46
C LEU B 190 -18.25 -10.53 -8.06
N LEU B 191 -17.37 -9.62 -7.60
CA LEU B 191 -17.70 -8.21 -7.47
C LEU B 191 -17.05 -7.51 -8.66
N THR B 192 -17.85 -7.29 -9.72
CA THR B 192 -17.35 -6.77 -10.99
CA THR B 192 -17.31 -6.69 -10.93
C THR B 192 -18.33 -5.73 -11.53
N SER B 193 -18.25 -4.50 -11.03
CA SER B 193 -19.19 -3.46 -11.42
C SER B 193 -19.14 -3.16 -12.92
N ASN B 194 -18.01 -3.43 -13.55
CA ASN B 194 -17.83 -3.13 -14.96
C ASN B 194 -18.16 -4.33 -15.84
N ILE B 195 -18.45 -5.49 -15.23
CA ILE B 195 -18.96 -6.63 -15.99
C ILE B 195 -20.34 -6.99 -15.43
N PRO B 196 -21.40 -6.22 -15.76
CA PRO B 196 -22.71 -6.38 -15.11
C PRO B 196 -23.26 -7.80 -15.17
N ALA B 197 -23.03 -8.48 -16.31
CA ALA B 197 -23.56 -9.83 -16.48
C ALA B 197 -23.01 -10.79 -15.44
N ALA B 198 -21.77 -10.58 -14.99
CA ALA B 198 -21.10 -11.54 -14.12
C ALA B 198 -21.27 -11.20 -12.64
N MET B 199 -21.71 -9.98 -12.33
CA MET B 199 -21.82 -9.51 -10.96
C MET B 199 -22.62 -10.50 -10.10
N GLY B 200 -22.04 -10.92 -8.97
CA GLY B 200 -22.70 -11.80 -8.00
C GLY B 200 -22.62 -13.29 -8.36
N HIS B 201 -21.98 -13.64 -9.48
CA HIS B 201 -22.00 -15.03 -9.92
C HIS B 201 -20.74 -15.78 -9.55
N THR B 202 -20.87 -17.10 -9.41
CA THR B 202 -19.75 -17.98 -9.10
C THR B 202 -19.09 -18.43 -10.40
N LEU B 203 -18.34 -17.49 -11.01
CA LEU B 203 -17.82 -17.69 -12.37
C LEU B 203 -16.96 -18.94 -12.46
N GLN B 204 -16.03 -19.11 -11.52
CA GLN B 204 -15.12 -20.24 -11.56
C GLN B 204 -15.90 -21.55 -11.57
N ARG B 205 -16.81 -21.70 -10.61
CA ARG B 205 -17.55 -22.96 -10.46
C ARG B 205 -18.39 -23.22 -11.69
N ASP B 206 -19.10 -22.18 -12.16
CA ASP B 206 -19.97 -22.29 -13.31
C ASP B 206 -19.19 -22.75 -14.56
N LEU B 207 -17.97 -22.22 -14.76
CA LEU B 207 -17.16 -22.57 -15.90
C LEU B 207 -16.56 -23.96 -15.74
N GLU B 208 -16.17 -24.31 -14.51
CA GLU B 208 -15.62 -25.63 -14.27
C GLU B 208 -16.65 -26.70 -14.64
N GLU B 209 -17.93 -26.40 -14.39
CA GLU B 209 -19.01 -27.31 -14.72
CA GLU B 209 -19.05 -27.28 -14.72
C GLU B 209 -19.14 -27.44 -16.24
N ARG B 210 -19.19 -26.28 -16.92
CA ARG B 210 -19.37 -26.23 -18.36
C ARG B 210 -18.19 -26.84 -19.11
N LEU B 211 -16.96 -26.65 -18.61
CA LEU B 211 -15.77 -27.00 -19.38
C LEU B 211 -15.13 -28.28 -18.86
N GLN B 212 -15.68 -28.82 -17.76
CA GLN B 212 -15.22 -30.08 -17.20
C GLN B 212 -13.71 -30.07 -16.93
N ARG B 213 -13.21 -28.95 -16.40
CA ARG B 213 -11.80 -28.88 -16.04
C ARG B 213 -11.65 -27.72 -15.05
N PRO B 214 -10.54 -27.66 -14.29
CA PRO B 214 -10.28 -26.54 -13.40
C PRO B 214 -10.21 -25.20 -14.14
N VAL B 215 -10.62 -24.13 -13.47
CA VAL B 215 -10.56 -22.80 -14.06
C VAL B 215 -9.94 -21.90 -13.00
N LYS B 216 -8.95 -21.09 -13.38
CA LYS B 216 -8.37 -20.13 -12.44
C LYS B 216 -8.87 -18.73 -12.78
N ILE B 217 -9.27 -17.98 -11.74
CA ILE B 217 -9.75 -16.62 -11.90
C ILE B 217 -8.77 -15.72 -11.16
N GLU B 218 -8.39 -14.62 -11.81
CA GLU B 218 -7.50 -13.67 -11.18
C GLU B 218 -7.93 -12.27 -11.57
N ASN B 219 -7.54 -11.31 -10.72
CA ASN B 219 -7.82 -9.92 -11.01
C ASN B 219 -7.02 -9.48 -12.24
N ASP B 220 -7.61 -8.60 -13.08
CA ASP B 220 -6.95 -8.12 -14.29
C ASP B 220 -5.59 -7.46 -14.01
N ALA B 221 -5.53 -6.55 -13.02
CA ALA B 221 -4.27 -5.86 -12.75
C ALA B 221 -3.24 -6.83 -12.18
N ASN B 222 -3.69 -7.80 -11.37
CA ASN B 222 -2.78 -8.84 -10.92
C ASN B 222 -2.21 -9.62 -12.12
N CYS B 223 -3.06 -9.96 -13.10
CA CYS B 223 -2.57 -10.70 -14.27
C CYS B 223 -1.55 -9.86 -15.04
N PHE B 224 -1.86 -8.59 -15.25
CA PHE B 224 -0.98 -7.65 -15.94
C PHE B 224 0.37 -7.60 -15.23
N ALA B 225 0.36 -7.38 -13.91
CA ALA B 225 1.59 -7.30 -13.16
C ALA B 225 2.37 -8.61 -13.23
N LEU B 226 1.66 -9.74 -13.12
CA LEU B 226 2.33 -11.04 -13.19
C LEU B 226 3.08 -11.20 -14.51
N SER B 227 2.44 -10.84 -15.63
N SER B 227 2.42 -10.85 -15.62
CA SER B 227 3.05 -11.03 -16.94
CA SER B 227 3.02 -11.02 -16.94
C SER B 227 4.23 -10.08 -17.10
C SER B 227 4.20 -10.08 -17.11
N GLU B 228 4.02 -8.81 -16.71
CA GLU B 228 5.08 -7.83 -16.91
C GLU B 228 6.29 -8.16 -16.03
N ALA B 229 6.04 -8.61 -14.81
CA ALA B 229 7.12 -8.86 -13.88
C ALA B 229 7.91 -10.12 -14.24
N TRP B 230 7.32 -11.02 -15.06
CA TRP B 230 7.94 -12.29 -15.41
CA TRP B 230 7.89 -12.29 -15.47
C TRP B 230 9.02 -12.06 -16.46
N ASP B 231 8.96 -10.91 -17.13
CA ASP B 231 10.01 -10.51 -18.08
C ASP B 231 11.38 -10.66 -17.39
N GLU B 232 12.38 -11.17 -18.12
CA GLU B 232 13.70 -11.44 -17.56
CA GLU B 232 13.71 -11.43 -17.57
C GLU B 232 14.29 -10.22 -16.85
N ASP B 233 14.01 -9.01 -17.37
CA ASP B 233 14.54 -7.76 -16.85
CA ASP B 233 14.52 -7.74 -16.86
C ASP B 233 13.85 -7.35 -15.54
N LEU B 234 12.68 -7.94 -15.24
CA LEU B 234 11.96 -7.55 -14.03
C LEU B 234 11.88 -8.68 -13.01
N ARG B 235 12.16 -9.91 -13.47
CA ARG B 235 11.96 -11.13 -12.70
CA ARG B 235 11.94 -11.13 -12.70
C ARG B 235 12.75 -11.08 -11.39
N GLY B 236 13.86 -10.37 -11.40
CA GLY B 236 14.70 -10.33 -10.22
C GLY B 236 14.58 -9.06 -9.41
N GLU B 237 13.57 -8.22 -9.71
CA GLU B 237 13.41 -6.98 -8.99
C GLU B 237 12.75 -7.29 -7.64
N PRO B 238 13.12 -6.62 -6.53
CA PRO B 238 12.48 -6.97 -5.25
C PRO B 238 10.99 -6.63 -5.17
N SER B 239 10.53 -5.68 -5.98
CA SER B 239 9.08 -5.42 -6.02
C SER B 239 8.71 -4.79 -7.36
N VAL B 240 7.49 -5.09 -7.82
CA VAL B 240 6.97 -4.49 -9.04
C VAL B 240 5.51 -4.12 -8.76
N LEU B 241 5.12 -2.90 -9.16
CA LEU B 241 3.71 -2.53 -9.13
C LEU B 241 3.24 -2.36 -10.57
N GLY B 242 2.27 -3.19 -10.97
CA GLY B 242 1.58 -2.98 -12.25
C GLY B 242 0.35 -2.13 -12.03
N LEU B 243 0.24 -1.03 -12.78
CA LEU B 243 -0.86 -0.11 -12.61
CA LEU B 243 -0.89 -0.12 -12.61
C LEU B 243 -1.63 -0.03 -13.93
N ILE B 244 -2.93 -0.33 -13.88
CA ILE B 244 -3.80 -0.20 -15.04
CA ILE B 244 -3.82 -0.21 -15.03
C ILE B 244 -4.56 1.12 -14.93
N LEU B 245 -4.50 1.94 -15.98
CA LEU B 245 -5.26 3.18 -16.07
C LEU B 245 -6.11 3.07 -17.33
N GLY B 246 -7.35 2.58 -17.16
CA GLY B 246 -8.23 2.25 -18.26
C GLY B 246 -9.63 2.80 -18.01
N THR B 247 -10.64 1.93 -17.96
CA THR B 247 -11.95 2.37 -17.50
C THR B 247 -11.87 2.59 -15.99
N GLY B 248 -10.94 1.84 -15.36
CA GLY B 248 -10.74 1.99 -13.92
C GLY B 248 -9.26 2.07 -13.60
N VAL B 249 -8.95 2.09 -12.31
CA VAL B 249 -7.56 2.15 -11.84
C VAL B 249 -7.35 0.89 -11.02
N GLY B 250 -6.39 0.05 -11.43
CA GLY B 250 -6.16 -1.21 -10.72
C GLY B 250 -4.66 -1.40 -10.51
N GLY B 251 -4.31 -2.16 -9.46
CA GLY B 251 -2.91 -2.41 -9.17
C GLY B 251 -2.67 -3.89 -8.96
N GLY B 252 -1.48 -4.33 -9.38
CA GLY B 252 -1.01 -5.69 -9.08
C GLY B 252 0.33 -5.60 -8.37
N LEU B 253 0.43 -6.24 -7.20
CA LEU B 253 1.62 -6.08 -6.36
C LEU B 253 2.43 -7.37 -6.39
N ILE B 254 3.69 -7.26 -6.84
CA ILE B 254 4.60 -8.41 -6.89
C ILE B 254 5.75 -8.11 -5.93
N PHE B 255 6.04 -9.07 -5.05
CA PHE B 255 7.16 -8.94 -4.12
C PHE B 255 8.03 -10.18 -4.29
N ASN B 256 9.31 -9.97 -4.58
CA ASN B 256 10.25 -11.05 -4.85
C ASN B 256 9.70 -12.05 -5.84
N GLY B 257 9.07 -11.55 -6.90
CA GLY B 257 8.58 -12.41 -7.97
C GLY B 257 7.26 -13.11 -7.68
N LYS B 258 6.60 -12.84 -6.54
CA LYS B 258 5.35 -13.52 -6.24
C LYS B 258 4.25 -12.48 -6.02
N VAL B 259 3.07 -12.73 -6.60
CA VAL B 259 1.95 -11.82 -6.42
C VAL B 259 1.47 -11.90 -4.96
N HIS B 260 1.20 -10.72 -4.39
CA HIS B 260 0.49 -10.59 -3.14
C HIS B 260 -0.95 -10.32 -3.53
N SER B 261 -1.82 -11.32 -3.34
CA SER B 261 -3.21 -11.16 -3.74
C SER B 261 -4.07 -10.72 -2.55
N GLY B 262 -3.55 -10.90 -1.34
CA GLY B 262 -4.15 -10.34 -0.13
C GLY B 262 -5.12 -11.27 0.58
N ARG B 263 -5.53 -10.85 1.77
CA ARG B 263 -6.46 -11.52 2.67
CA ARG B 263 -6.39 -11.65 2.62
C ARG B 263 -7.72 -11.98 1.93
N ALA B 264 -8.22 -11.08 1.07
CA ALA B 264 -9.52 -11.30 0.46
C ALA B 264 -9.50 -10.95 -1.04
N ASN B 265 -8.35 -11.18 -1.69
CA ASN B 265 -8.21 -10.92 -3.12
C ASN B 265 -8.34 -9.44 -3.46
N ILE B 266 -8.08 -8.54 -2.51
CA ILE B 266 -8.27 -7.11 -2.70
C ILE B 266 -6.93 -6.40 -2.84
N ALA B 267 -5.81 -7.09 -2.59
CA ALA B 267 -4.54 -6.36 -2.65
C ALA B 267 -4.40 -5.66 -3.99
N GLY B 268 -3.90 -4.42 -3.95
CA GLY B 268 -3.71 -3.64 -5.15
C GLY B 268 -4.93 -2.86 -5.62
N GLU B 269 -6.05 -2.89 -4.86
CA GLU B 269 -7.25 -2.14 -5.21
C GLU B 269 -7.12 -0.65 -4.92
N ILE B 270 -6.04 -0.04 -5.44
CA ILE B 270 -5.74 1.36 -5.19
C ILE B 270 -6.82 2.26 -5.79
N GLY B 271 -7.55 1.74 -6.79
CA GLY B 271 -8.65 2.50 -7.37
C GLY B 271 -9.76 2.79 -6.37
N HIS B 272 -9.85 1.98 -5.32
CA HIS B 272 -10.92 2.18 -4.34
C HIS B 272 -10.34 2.71 -3.03
N THR B 273 -9.31 3.55 -3.16
CA THR B 273 -8.89 4.42 -2.07
C THR B 273 -9.39 5.82 -2.43
N ARG B 274 -9.70 6.62 -1.40
CA ARG B 274 -10.29 7.94 -1.61
C ARG B 274 -9.23 8.99 -1.91
N LEU B 275 -9.60 10.02 -2.70
CA LEU B 275 -8.67 11.07 -3.02
C LEU B 275 -7.98 11.57 -1.75
N PRO B 276 -6.65 11.71 -1.73
CA PRO B 276 -5.95 12.28 -0.58
C PRO B 276 -6.15 13.80 -0.51
N TYR B 277 -5.95 14.34 0.71
CA TYR B 277 -6.13 15.75 0.99
C TYR B 277 -5.43 16.65 -0.03
N ASP B 278 -4.17 16.33 -0.37
CA ASP B 278 -3.41 17.17 -1.29
C ASP B 278 -4.03 17.17 -2.69
N ALA B 279 -4.65 16.06 -3.09
CA ALA B 279 -5.38 16.00 -4.35
C ALA B 279 -6.66 16.85 -4.28
N LEU B 280 -7.39 16.76 -3.15
CA LEU B 280 -8.58 17.57 -2.97
CA LEU B 280 -8.58 17.56 -2.92
C LEU B 280 -8.23 19.05 -3.01
N LYS B 281 -7.10 19.43 -2.41
CA LYS B 281 -6.66 20.82 -2.36
C LYS B 281 -6.45 21.32 -3.80
N LEU B 282 -5.77 20.49 -4.60
CA LEU B 282 -5.53 20.86 -5.99
C LEU B 282 -6.87 21.10 -6.73
N LEU B 283 -7.88 20.27 -6.44
CA LEU B 283 -9.14 20.29 -7.16
C LEU B 283 -10.14 21.29 -6.55
N GLY B 284 -9.72 22.04 -5.52
CA GLY B 284 -10.56 23.10 -4.98
C GLY B 284 -11.32 22.76 -3.69
N MET B 285 -10.91 21.67 -3.00
CA MET B 285 -11.41 21.34 -1.66
C MET B 285 -12.93 21.15 -1.66
N GLU B 286 -13.69 22.03 -0.99
CA GLU B 286 -15.13 21.83 -0.92
C GLU B 286 -15.79 22.04 -2.29
N ASN B 287 -15.05 22.60 -3.25
CA ASN B 287 -15.60 22.76 -4.60
C ASN B 287 -15.07 21.68 -5.55
N ALA B 288 -14.25 20.76 -5.04
CA ALA B 288 -13.74 19.69 -5.87
C ALA B 288 -14.86 18.80 -6.38
N PRO B 289 -14.75 18.25 -7.61
CA PRO B 289 -15.73 17.27 -8.07
C PRO B 289 -15.57 15.96 -7.29
N ILE B 290 -16.66 15.51 -6.69
CA ILE B 290 -16.69 14.26 -5.95
C ILE B 290 -17.48 13.27 -6.78
N PHE B 291 -16.77 12.38 -7.49
CA PHE B 291 -17.46 11.47 -8.38
C PHE B 291 -17.94 10.24 -7.62
N PRO B 292 -19.16 9.76 -7.90
CA PRO B 292 -19.64 8.50 -7.35
C PRO B 292 -18.85 7.34 -7.94
N CYS B 293 -18.68 6.28 -7.15
CA CYS B 293 -17.92 5.13 -7.61
C CYS B 293 -18.83 3.94 -7.80
N GLY B 294 -18.42 3.07 -8.74
CA GLY B 294 -19.08 1.79 -8.92
C GLY B 294 -19.05 0.90 -7.68
N CYS B 295 -18.11 1.14 -6.75
CA CYS B 295 -18.07 0.32 -5.53
C CYS B 295 -19.10 0.78 -4.51
N LYS B 296 -19.75 1.92 -4.80
CA LYS B 296 -20.82 2.54 -4.03
C LYS B 296 -20.27 3.51 -2.97
N ASN B 297 -18.94 3.67 -2.94
CA ASN B 297 -18.34 4.75 -2.17
C ASN B 297 -18.32 6.00 -3.05
N SER B 298 -17.65 7.05 -2.58
CA SER B 298 -17.61 8.37 -3.20
C SER B 298 -16.19 8.91 -3.16
N GLY B 299 -15.69 9.42 -4.29
CA GLY B 299 -14.38 10.06 -4.31
C GLY B 299 -13.23 9.06 -4.47
N CYS B 300 -13.53 7.81 -4.84
CA CYS B 300 -12.46 6.84 -5.12
C CYS B 300 -11.64 7.25 -6.35
N ILE B 301 -10.33 7.02 -6.30
CA ILE B 301 -9.44 7.53 -7.36
C ILE B 301 -9.66 6.80 -8.68
N ASP B 302 -10.36 5.65 -8.65
CA ASP B 302 -10.80 4.92 -9.83
C ASP B 302 -11.44 5.85 -10.87
N ASN B 303 -12.13 6.89 -10.38
CA ASN B 303 -12.95 7.77 -11.21
C ASN B 303 -12.24 9.08 -11.54
N TYR B 304 -10.92 9.15 -11.28
CA TYR B 304 -10.12 10.34 -11.51
C TYR B 304 -8.90 10.05 -12.38
N LEU B 305 -8.17 8.96 -12.10
CA LEU B 305 -6.85 8.76 -12.71
C LEU B 305 -6.91 7.82 -13.91
N SER B 306 -8.04 7.15 -14.10
CA SER B 306 -8.29 6.23 -15.21
C SER B 306 -8.44 7.08 -16.49
N GLY B 307 -8.46 6.43 -17.65
CA GLY B 307 -8.87 7.16 -18.87
C GLY B 307 -10.29 7.74 -18.72
N ARG B 308 -11.19 6.97 -18.10
CA ARG B 308 -12.54 7.46 -17.86
C ARG B 308 -12.49 8.67 -16.92
N GLY B 309 -11.69 8.58 -15.86
CA GLY B 309 -11.55 9.70 -14.94
C GLY B 309 -11.01 10.96 -15.59
N PHE B 310 -10.00 10.79 -16.47
CA PHE B 310 -9.41 11.87 -17.22
C PHE B 310 -10.53 12.58 -18.01
N GLU B 311 -11.39 11.78 -18.62
CA GLU B 311 -12.52 12.32 -19.38
C GLU B 311 -13.52 13.01 -18.46
N GLN B 312 -13.86 12.38 -17.32
CA GLN B 312 -14.86 12.96 -16.43
C GLN B 312 -14.37 14.28 -15.86
N LEU B 313 -13.06 14.37 -15.56
CA LEU B 313 -12.54 15.61 -15.04
C LEU B 313 -12.63 16.71 -16.09
N TYR B 314 -12.35 16.36 -17.35
CA TYR B 314 -12.47 17.35 -18.42
C TYR B 314 -13.91 17.85 -18.49
N ASP B 315 -14.87 16.92 -18.52
CA ASP B 315 -16.28 17.24 -18.65
C ASP B 315 -16.74 18.10 -17.46
N HIS B 316 -16.27 17.77 -16.26
CA HIS B 316 -16.67 18.52 -15.09
C HIS B 316 -16.30 19.99 -15.23
N TYR B 317 -15.06 20.27 -15.65
CA TYR B 317 -14.59 21.64 -15.70
C TYR B 317 -15.05 22.38 -16.96
N PHE B 318 -15.35 21.64 -18.05
CA PHE B 318 -15.50 22.33 -19.34
C PHE B 318 -16.85 22.06 -20.01
N SER B 319 -17.66 21.17 -19.43
CA SER B 319 -18.99 20.80 -19.92
C SER B 319 -18.97 20.43 -21.40
N GLU B 320 -18.16 19.44 -21.77
CA GLU B 320 -18.21 18.81 -23.08
C GLU B 320 -17.65 17.40 -22.89
N LYS B 321 -18.35 16.40 -23.45
CA LYS B 321 -17.98 15.02 -23.21
C LYS B 321 -17.03 14.54 -24.31
N LEU B 322 -15.77 14.95 -24.22
CA LEU B 322 -14.73 14.55 -25.16
C LEU B 322 -14.08 13.26 -24.67
N SER B 323 -13.61 12.46 -25.62
CA SER B 323 -12.81 11.29 -25.30
C SER B 323 -11.40 11.70 -24.89
N ALA B 324 -10.69 10.78 -24.20
CA ALA B 324 -9.32 11.08 -23.81
C ALA B 324 -8.46 11.37 -25.05
N PRO B 325 -8.51 10.57 -26.14
CA PRO B 325 -7.74 10.91 -27.35
C PRO B 325 -8.06 12.27 -27.94
N GLU B 326 -9.34 12.68 -27.92
CA GLU B 326 -9.68 14.02 -28.39
C GLU B 326 -9.03 15.09 -27.53
N ILE B 327 -9.11 14.93 -26.19
CA ILE B 327 -8.55 15.94 -25.30
C ILE B 327 -7.04 16.04 -25.54
N ILE B 328 -6.38 14.88 -25.67
CA ILE B 328 -4.95 14.82 -25.86
C ILE B 328 -4.58 15.48 -27.19
N ALA B 329 -5.37 15.24 -28.23
CA ALA B 329 -5.11 15.90 -29.51
C ALA B 329 -5.26 17.42 -29.40
N HIS B 330 -6.31 17.90 -28.70
CA HIS B 330 -6.46 19.32 -28.46
C HIS B 330 -5.25 19.86 -27.70
N TYR B 331 -4.81 19.09 -26.69
CA TYR B 331 -3.63 19.48 -25.93
C TYR B 331 -2.42 19.68 -26.85
N GLU B 332 -2.20 18.75 -27.77
CA GLU B 332 -1.05 18.80 -28.68
CA GLU B 332 -1.02 18.85 -28.62
C GLU B 332 -1.12 20.05 -29.55
N GLN B 333 -2.35 20.54 -29.81
CA GLN B 333 -2.53 21.74 -30.61
C GLN B 333 -2.49 22.99 -29.73
N GLY B 334 -2.33 22.82 -28.41
CA GLY B 334 -2.18 23.96 -27.51
C GLY B 334 -3.50 24.66 -27.18
N GLU B 335 -4.62 23.97 -27.38
CA GLU B 335 -5.93 24.52 -27.08
C GLU B 335 -6.06 24.73 -25.57
N ARG B 336 -6.61 25.90 -25.20
CA ARG B 336 -6.62 26.42 -23.84
C ARG B 336 -7.20 25.44 -22.82
N ARG B 337 -8.40 24.92 -23.06
CA ARG B 337 -9.08 24.07 -22.09
CA ARG B 337 -9.09 24.07 -22.10
C ARG B 337 -8.28 22.78 -21.89
N ALA B 338 -7.84 22.17 -22.99
CA ALA B 338 -7.06 20.93 -22.89
C ALA B 338 -5.73 21.14 -22.16
N VAL B 339 -5.07 22.29 -22.40
CA VAL B 339 -3.81 22.59 -21.74
C VAL B 339 -4.04 22.70 -20.23
N GLN B 340 -5.11 23.41 -19.83
CA GLN B 340 -5.46 23.57 -18.43
CA GLN B 340 -5.43 23.56 -18.42
C GLN B 340 -5.76 22.19 -17.82
N HIS B 341 -6.56 21.40 -18.55
CA HIS B 341 -6.93 20.07 -18.10
C HIS B 341 -5.69 19.20 -17.87
N VAL B 342 -4.80 19.16 -18.85
CA VAL B 342 -3.66 18.26 -18.78
C VAL B 342 -2.70 18.67 -17.65
N GLU B 343 -2.49 19.97 -17.44
CA GLU B 343 -1.68 20.45 -16.33
C GLU B 343 -2.27 19.96 -15.00
N ARG B 344 -3.58 20.16 -14.83
CA ARG B 344 -4.29 19.75 -13.62
C ARG B 344 -4.15 18.22 -13.45
N PHE B 345 -4.39 17.49 -14.56
CA PHE B 345 -4.37 16.04 -14.47
C PHE B 345 -2.97 15.52 -14.11
N MET B 346 -1.92 16.08 -14.73
CA MET B 346 -0.57 15.60 -14.49
CA MET B 346 -0.58 15.57 -14.47
C MET B 346 -0.22 15.81 -13.00
N GLU B 347 -0.63 16.95 -12.47
CA GLU B 347 -0.33 17.23 -11.06
C GLU B 347 -1.14 16.30 -10.16
N LEU B 348 -2.40 16.06 -10.51
CA LEU B 348 -3.28 15.17 -9.74
C LEU B 348 -2.71 13.76 -9.74
N LEU B 349 -2.29 13.29 -10.93
CA LEU B 349 -1.71 11.96 -11.01
C LEU B 349 -0.46 11.87 -10.13
N ALA B 350 0.41 12.88 -10.18
CA ALA B 350 1.64 12.84 -9.39
C ALA B 350 1.31 12.83 -7.89
N ILE B 351 0.35 13.64 -7.47
CA ILE B 351 -0.01 13.69 -6.06
C ILE B 351 -0.52 12.34 -5.59
N CYS B 352 -1.45 11.75 -6.35
CA CYS B 352 -2.06 10.50 -5.93
C CYS B 352 -1.04 9.37 -5.93
N LEU B 353 -0.21 9.31 -6.98
CA LEU B 353 0.77 8.24 -7.03
C LEU B 353 1.85 8.44 -5.96
N ALA B 354 2.19 9.70 -5.63
CA ALA B 354 3.14 9.93 -4.56
C ALA B 354 2.62 9.39 -3.23
N ASN B 355 1.32 9.57 -2.96
CA ASN B 355 0.73 8.97 -1.77
C ASN B 355 0.91 7.45 -1.81
N ILE B 356 0.54 6.82 -2.94
CA ILE B 356 0.63 5.37 -3.06
CA ILE B 356 0.64 5.37 -3.09
C ILE B 356 2.09 4.92 -2.89
N PHE B 357 3.02 5.66 -3.49
CA PHE B 357 4.42 5.21 -3.44
C PHE B 357 5.05 5.41 -2.05
N THR B 358 4.46 6.30 -1.24
CA THR B 358 4.97 6.50 0.13
C THR B 358 4.54 5.30 0.99
N CYS B 359 3.42 4.67 0.64
CA CYS B 359 3.00 3.44 1.29
C CYS B 359 3.77 2.23 0.74
N LEU B 360 3.83 2.08 -0.59
CA LEU B 360 4.32 0.84 -1.19
CA LEU B 360 4.31 0.85 -1.20
C LEU B 360 5.79 0.88 -1.57
N ASP B 361 6.34 2.06 -1.88
CA ASP B 361 7.74 2.24 -2.29
C ASP B 361 8.21 1.16 -3.28
N PRO B 362 7.53 1.00 -4.44
CA PRO B 362 7.87 -0.07 -5.37
C PRO B 362 9.20 0.23 -6.08
N HIS B 363 9.90 -0.84 -6.48
CA HIS B 363 11.15 -0.67 -7.21
C HIS B 363 10.88 -0.26 -8.65
N VAL B 364 9.87 -0.91 -9.26
CA VAL B 364 9.50 -0.63 -10.64
C VAL B 364 7.99 -0.46 -10.70
N VAL B 365 7.53 0.47 -11.53
CA VAL B 365 6.11 0.67 -11.75
C VAL B 365 5.89 0.54 -13.26
N VAL B 366 4.97 -0.34 -13.65
CA VAL B 366 4.68 -0.57 -15.06
CA VAL B 366 4.71 -0.50 -15.06
C VAL B 366 3.25 -0.11 -15.31
N LEU B 367 3.07 0.79 -16.29
CA LEU B 367 1.74 1.33 -16.55
C LEU B 367 1.13 0.62 -17.74
N GLY B 368 -0.13 0.21 -17.59
CA GLY B 368 -0.89 -0.39 -18.68
C GLY B 368 -2.29 0.21 -18.76
N GLY B 369 -3.07 -0.30 -19.71
CA GLY B 369 -4.40 0.26 -19.92
C GLY B 369 -4.35 1.39 -20.96
N GLY B 370 -5.54 1.77 -21.45
CA GLY B 370 -5.60 2.77 -22.51
C GLY B 370 -4.82 4.05 -22.20
N LEU B 371 -4.96 4.59 -20.98
CA LEU B 371 -4.34 5.89 -20.73
C LEU B 371 -2.82 5.78 -20.62
N SER B 372 -2.27 4.55 -20.48
CA SER B 372 -0.82 4.39 -20.49
C SER B 372 -0.21 4.78 -21.85
N ASN B 373 -1.05 4.95 -22.87
CA ASN B 373 -0.57 5.41 -24.17
C ASN B 373 -0.31 6.90 -24.22
N PHE B 374 -0.71 7.65 -23.17
CA PHE B 374 -0.46 9.08 -23.14
C PHE B 374 1.00 9.32 -22.74
N GLU B 375 1.87 9.56 -23.74
CA GLU B 375 3.32 9.54 -23.56
CA GLU B 375 3.30 9.49 -23.51
C GLU B 375 3.77 10.60 -22.56
N LEU B 376 3.03 11.71 -22.48
CA LEU B 376 3.46 12.81 -21.62
C LEU B 376 3.59 12.34 -20.17
N ILE B 377 2.81 11.31 -19.79
CA ILE B 377 2.89 10.80 -18.41
C ILE B 377 4.32 10.44 -18.01
N TYR B 378 5.06 9.79 -18.92
CA TYR B 378 6.40 9.29 -18.62
C TYR B 378 7.41 10.43 -18.47
N GLN B 379 7.13 11.57 -19.11
CA GLN B 379 7.97 12.75 -18.99
C GLN B 379 7.63 13.51 -17.70
N GLU B 380 6.33 13.65 -17.41
CA GLU B 380 5.90 14.54 -16.35
C GLU B 380 5.97 13.90 -14.96
N LEU B 381 5.67 12.61 -14.86
CA LEU B 381 5.68 11.99 -13.52
C LEU B 381 7.00 12.17 -12.80
N PRO B 382 8.17 11.84 -13.40
CA PRO B 382 9.45 11.99 -12.69
C PRO B 382 9.74 13.45 -12.30
N LYS B 383 9.18 14.41 -13.03
CA LYS B 383 9.41 15.80 -12.71
CA LYS B 383 9.41 15.80 -12.71
C LYS B 383 8.54 16.22 -11.52
N ARG B 384 7.31 15.69 -11.44
CA ARG B 384 6.32 16.20 -10.50
C ARG B 384 6.24 15.39 -9.20
N LEU B 385 6.65 14.11 -9.24
CA LEU B 385 6.58 13.26 -8.04
C LEU B 385 7.42 13.78 -6.89
N PRO B 386 8.71 14.19 -7.07
CA PRO B 386 9.58 14.49 -5.93
C PRO B 386 8.99 15.45 -4.89
N ALA B 387 8.26 16.48 -5.32
CA ALA B 387 7.70 17.47 -4.40
C ALA B 387 6.71 16.83 -3.41
N HIS B 388 6.07 15.73 -3.83
CA HIS B 388 5.02 15.11 -3.04
C HIS B 388 5.49 13.86 -2.31
N LEU B 389 6.70 13.40 -2.63
CA LEU B 389 7.31 12.26 -1.93
C LEU B 389 8.07 12.77 -0.73
N LEU B 390 8.50 11.86 0.15
CA LEU B 390 9.41 12.23 1.21
C LEU B 390 10.72 12.73 0.60
N HIS B 391 11.40 13.62 1.34
CA HIS B 391 12.62 14.26 0.89
C HIS B 391 13.67 13.24 0.47
N VAL B 392 13.75 12.08 1.15
CA VAL B 392 14.78 11.09 0.89
C VAL B 392 14.29 10.01 -0.08
N ALA B 393 13.08 10.17 -0.64
CA ALA B 393 12.56 9.17 -1.56
C ALA B 393 13.37 9.21 -2.85
N LYS B 394 13.56 8.05 -3.48
CA LYS B 394 14.15 7.97 -4.80
C LYS B 394 13.05 7.45 -5.73
N LEU B 395 13.04 7.91 -6.98
CA LEU B 395 11.94 7.52 -7.85
C LEU B 395 12.06 6.05 -8.22
N PRO B 396 10.92 5.33 -8.39
CA PRO B 396 10.99 4.00 -8.96
C PRO B 396 11.31 4.18 -10.45
N LYS B 397 11.73 3.08 -11.08
CA LYS B 397 11.73 3.02 -12.53
C LYS B 397 10.26 2.98 -12.96
N ILE B 398 9.85 3.92 -13.82
CA ILE B 398 8.47 4.00 -14.30
C ILE B 398 8.50 3.69 -15.79
N ILE B 399 7.81 2.63 -16.22
CA ILE B 399 7.90 2.21 -17.61
C ILE B 399 6.52 1.90 -18.17
N LYS B 400 6.39 2.04 -19.49
CA LYS B 400 5.19 1.60 -20.18
C LYS B 400 5.23 0.07 -20.33
N ALA B 401 4.05 -0.56 -20.34
CA ALA B 401 3.92 -2.01 -20.51
C ALA B 401 4.78 -2.52 -21.66
N ARG B 402 5.59 -3.54 -21.37
CA ARG B 402 6.46 -4.14 -22.38
CA ARG B 402 6.47 -4.16 -22.36
C ARG B 402 5.70 -5.15 -23.23
N HIS B 403 4.48 -5.54 -22.79
CA HIS B 403 3.72 -6.51 -23.57
C HIS B 403 2.53 -5.83 -24.25
N GLY B 404 2.55 -4.50 -24.33
CA GLY B 404 1.47 -3.78 -24.99
C GLY B 404 0.13 -4.02 -24.30
N ASP B 405 -0.86 -4.50 -25.06
CA ASP B 405 -2.20 -4.72 -24.54
C ASP B 405 -2.40 -6.19 -24.18
N ALA B 406 -1.29 -6.98 -24.13
CA ALA B 406 -1.40 -8.43 -24.01
C ALA B 406 -1.09 -8.98 -22.61
N GLY B 407 -0.65 -8.12 -21.69
CA GLY B 407 -0.20 -8.62 -20.39
C GLY B 407 -1.31 -9.33 -19.61
N GLY B 408 -2.54 -8.82 -19.73
CA GLY B 408 -3.70 -9.45 -19.11
C GLY B 408 -3.93 -10.88 -19.61
N VAL B 409 -3.97 -11.06 -20.94
CA VAL B 409 -4.19 -12.37 -21.52
C VAL B 409 -3.06 -13.33 -21.14
N ARG B 410 -1.81 -12.83 -21.24
CA ARG B 410 -0.66 -13.68 -20.94
CA ARG B 410 -0.63 -13.63 -20.94
C ARG B 410 -0.65 -14.06 -19.47
N GLY B 411 -0.87 -13.07 -18.60
CA GLY B 411 -0.88 -13.34 -17.17
C GLY B 411 -1.95 -14.35 -16.79
N ALA B 412 -3.14 -14.20 -17.39
CA ALA B 412 -4.21 -15.15 -17.13
C ALA B 412 -3.83 -16.55 -17.65
N ALA B 413 -3.25 -16.61 -18.87
CA ALA B 413 -2.93 -17.92 -19.42
C ALA B 413 -1.95 -18.65 -18.51
N PHE B 414 -0.97 -17.92 -18.00
CA PHE B 414 0.18 -18.50 -17.32
C PHE B 414 -0.10 -18.69 -15.83
N LEU B 415 -1.33 -18.43 -15.38
CA LEU B 415 -1.70 -18.83 -14.02
C LEU B 415 -1.53 -20.34 -13.92
N ASN B 416 -1.67 -21.02 -15.07
CA ASN B 416 -1.70 -22.47 -15.12
C ASN B 416 -0.33 -23.07 -15.46
N LEU B 417 0.73 -22.26 -15.45
CA LEU B 417 2.07 -22.77 -15.75
C LEU B 417 2.54 -23.66 -14.60
#